data_6YAW
#
_entry.id   6YAW
#
_cell.length_a   99.783
_cell.length_b   94.199
_cell.length_c   51.533
_cell.angle_alpha   90.000
_cell.angle_beta   93.113
_cell.angle_gamma   90.000
#
_symmetry.space_group_name_H-M   'C 1 2 1'
#
loop_
_entity.id
_entity.type
_entity.pdbx_description
1 polymer 'Glutathione S-transferase A1'
2 non-polymer '(2~{S})-2-azanyl-5-[[(2~{R})-1-(2-hydroxy-2-oxoethylamino)-1-oxidanylidene-3-[(1~{R})-3-oxidanylidene-1-phenyl-propyl]sulfanyl-propan-2-yl]amino]-5-oxidanylidene-pentanoic acid'
3 non-polymer GLYCEROL
4 water water
#
_entity_poly.entity_id   1
_entity_poly.type   'polypeptide(L)'
_entity_poly.pdbx_seq_one_letter_code
;MAEKPKLHYFNARGRMESTRWLLAAAGVEFEEKFIKSAEDLDKLRNDGYLMFQQVPMVEIDGMKLVQTRAILNYIASKYN
LYGKDIKERALIDMYIEGIADLGEMILLLPVCPPEEKDAKLALIKEKIKNRYFPAFEKVLKSHGQDYLVGNKLSRADIHL
VELLYYVEELDSSLISSFPLLKALKTRISNLPTVKKFLQPGSPRKPPMDEKSLEEARKIFRF
;
_entity_poly.pdbx_strand_id   A,B
#
loop_
_chem_comp.id
_chem_comp.type
_chem_comp.name
_chem_comp.formula
GOL non-polymer GLYCEROL 'C3 H8 O3'
P9H non-polymer '(2~{S})-2-azanyl-5-[[(2~{R})-1-(2-hydroxy-2-oxoethylamino)-1-oxidanylidene-3-[(1~{R})-3-oxidanylidene-1-phenyl-propyl]sulfanyl-propan-2-yl]amino]-5-oxidanylidene-pentanoic acid' 'C19 H25 N3 O7 S'
#
# COMPACT_ATOMS: atom_id res chain seq x y z
N ALA A 2 -5.27 2.72 31.21
CA ALA A 2 -5.29 3.13 29.81
C ALA A 2 -6.28 2.29 29.00
N GLU A 3 -6.44 2.68 27.74
CA GLU A 3 -7.40 2.03 26.85
C GLU A 3 -6.70 1.09 25.88
N LYS A 4 -7.26 -0.14 25.76
CA LYS A 4 -6.71 -1.03 24.73
C LYS A 4 -7.36 -0.74 23.38
N PRO A 5 -6.65 -1.00 22.27
CA PRO A 5 -7.12 -0.53 20.96
C PRO A 5 -8.46 -1.15 20.56
N LYS A 6 -9.25 -0.36 19.84
CA LYS A 6 -10.57 -0.79 19.38
C LYS A 6 -10.53 -0.95 17.86
N LEU A 7 -10.80 -2.17 17.41
CA LEU A 7 -10.84 -2.51 16.00
C LEU A 7 -12.29 -2.39 15.52
N HIS A 8 -12.52 -1.51 14.55
CA HIS A 8 -13.81 -1.33 13.93
C HIS A 8 -13.78 -1.96 12.55
N TYR A 9 -14.52 -3.05 12.38
CA TYR A 9 -14.67 -3.74 11.11
C TYR A 9 -15.98 -4.50 11.21
N PHE A 10 -16.22 -5.40 10.27
CA PHE A 10 -17.26 -6.40 10.45
C PHE A 10 -16.61 -7.74 10.74
N ASN A 11 -17.46 -8.73 11.06
CA ASN A 11 -17.00 -10.00 11.64
C ASN A 11 -16.56 -10.92 10.51
N ALA A 12 -15.33 -10.69 10.06
CA ALA A 12 -14.74 -11.44 8.96
C ALA A 12 -13.26 -11.06 8.89
N ARG A 13 -12.51 -11.82 8.08
CA ARG A 13 -11.10 -11.53 7.87
C ARG A 13 -10.96 -10.17 7.19
N GLY A 14 -11.28 -10.12 5.89
CA GLY A 14 -11.27 -8.88 5.14
C GLY A 14 -9.97 -8.11 5.29
N ARG A 15 -10.08 -6.78 5.33
CA ARG A 15 -8.90 -5.93 5.42
C ARG A 15 -8.43 -5.70 6.86
N MET A 16 -9.04 -6.37 7.85
CA MET A 16 -8.69 -6.19 9.26
C MET A 16 -7.86 -7.34 9.83
N GLU A 17 -7.90 -8.49 9.17
CA GLU A 17 -7.26 -9.68 9.70
C GLU A 17 -5.75 -9.50 9.89
N SER A 18 -5.06 -8.87 8.94
CA SER A 18 -3.61 -8.73 9.10
C SER A 18 -3.27 -7.99 10.38
N THR A 19 -4.14 -7.07 10.81
CA THR A 19 -3.92 -6.32 12.03
C THR A 19 -4.21 -7.18 13.26
N ARG A 20 -5.25 -8.01 13.17
CA ARG A 20 -5.53 -8.97 14.22
C ARG A 20 -4.32 -9.84 14.48
N TRP A 21 -3.72 -10.38 13.41
CA TRP A 21 -2.51 -11.18 13.53
C TRP A 21 -1.39 -10.38 14.17
N LEU A 22 -1.21 -9.13 13.75
CA LEU A 22 -0.04 -8.36 14.15
C LEU A 22 -0.12 -7.95 15.61
N LEU A 23 -1.27 -7.42 16.03
CA LEU A 23 -1.46 -7.10 17.44
C LEU A 23 -1.32 -8.34 18.33
N ALA A 24 -1.95 -9.47 17.93
CA ALA A 24 -1.84 -10.68 18.74
C ALA A 24 -0.40 -11.16 18.84
N ALA A 25 0.34 -11.11 17.72
CA ALA A 25 1.73 -11.55 17.77
C ALA A 25 2.58 -10.63 18.63
N ALA A 26 2.20 -9.35 18.72
CA ALA A 26 2.84 -8.45 19.67
C ALA A 26 2.42 -8.73 21.09
N GLY A 27 1.40 -9.56 21.28
CA GLY A 27 0.87 -9.77 22.62
C GLY A 27 0.16 -8.53 23.15
N VAL A 28 -0.59 -7.85 22.30
CA VAL A 28 -1.42 -6.71 22.70
C VAL A 28 -2.87 -7.16 22.66
N GLU A 29 -3.58 -7.00 23.77
CA GLU A 29 -5.02 -7.27 23.79
C GLU A 29 -5.80 -6.12 23.17
N PHE A 30 -6.90 -6.45 22.48
CA PHE A 30 -7.69 -5.44 21.79
C PHE A 30 -9.17 -5.82 21.81
N GLU A 31 -10.02 -4.81 21.67
CA GLU A 31 -11.45 -5.02 21.48
C GLU A 31 -11.82 -4.81 20.02
N GLU A 32 -12.86 -5.51 19.60
CA GLU A 32 -13.48 -5.36 18.29
C GLU A 32 -14.92 -4.90 18.50
N LYS A 33 -15.31 -3.81 17.83
CA LYS A 33 -16.70 -3.41 17.77
C LYS A 33 -17.22 -3.76 16.38
N PHE A 34 -18.00 -4.84 16.29
CA PHE A 34 -18.41 -5.38 14.99
C PHE A 34 -19.50 -4.51 14.37
N ILE A 35 -19.29 -4.14 13.11
CA ILE A 35 -20.31 -3.51 12.29
C ILE A 35 -21.22 -4.60 11.75
N LYS A 36 -22.52 -4.49 12.02
CA LYS A 36 -23.43 -5.57 11.65
C LYS A 36 -24.39 -5.20 10.52
N SER A 37 -24.50 -3.92 10.15
CA SER A 37 -25.40 -3.50 9.09
C SER A 37 -24.80 -2.32 8.33
N ALA A 38 -25.46 -1.94 7.23
CA ALA A 38 -25.09 -0.68 6.58
C ALA A 38 -25.41 0.52 7.46
N GLU A 39 -26.37 0.38 8.38
CA GLU A 39 -26.65 1.46 9.32
C GLU A 39 -25.54 1.62 10.34
N ASP A 40 -24.88 0.53 10.76
CA ASP A 40 -23.75 0.66 11.67
C ASP A 40 -22.60 1.39 10.98
N LEU A 41 -22.33 1.04 9.72
CA LEU A 41 -21.34 1.78 8.94
C LEU A 41 -21.72 3.25 8.82
N ASP A 42 -23.00 3.54 8.60
CA ASP A 42 -23.41 4.92 8.43
C ASP A 42 -23.25 5.73 9.71
N LYS A 43 -23.39 5.07 10.86
CA LYS A 43 -23.23 5.77 12.14
C LYS A 43 -21.77 6.19 12.35
N LEU A 44 -20.81 5.34 11.96
CA LEU A 44 -19.41 5.73 12.07
C LEU A 44 -19.09 6.89 11.12
N ARG A 45 -19.70 6.89 9.94
CA ARG A 45 -19.55 8.01 9.02
C ARG A 45 -20.05 9.31 9.66
N ASN A 46 -21.35 9.34 10.02
CA ASN A 46 -21.98 10.58 10.50
C ASN A 46 -21.36 11.08 11.79
N ASP A 47 -20.78 10.19 12.59
CA ASP A 47 -20.07 10.59 13.79
C ASP A 47 -18.72 11.22 13.48
N GLY A 48 -18.30 11.23 12.21
CA GLY A 48 -16.99 11.74 11.82
C GLY A 48 -15.79 10.85 12.15
N TYR A 49 -16.00 9.54 12.34
CA TYR A 49 -14.91 8.67 12.78
C TYR A 49 -14.06 8.10 11.65
N LEU A 50 -14.48 8.25 10.38
CA LEU A 50 -13.81 7.63 9.24
C LEU A 50 -13.37 8.71 8.24
N MET A 51 -12.06 8.94 8.16
CA MET A 51 -11.55 10.01 7.30
C MET A 51 -12.02 9.88 5.85
N PHE A 52 -12.02 8.66 5.32
CA PHE A 52 -12.48 8.40 3.95
C PHE A 52 -13.80 7.64 3.91
N GLN A 53 -14.56 7.67 5.01
CA GLN A 53 -15.85 6.98 5.11
C GLN A 53 -15.69 5.47 4.91
N GLN A 54 -14.51 4.95 5.21
CA GLN A 54 -14.23 3.52 5.07
C GLN A 54 -13.73 2.95 6.40
N VAL A 55 -13.97 1.66 6.59
CA VAL A 55 -13.23 0.87 7.57
C VAL A 55 -12.28 0.00 6.77
N PRO A 56 -11.23 -0.62 7.36
CA PRO A 56 -10.73 -0.68 8.75
C PRO A 56 -10.59 0.67 9.45
N MET A 57 -10.97 0.69 10.72
CA MET A 57 -10.62 1.81 11.58
C MET A 57 -10.17 1.24 12.90
N VAL A 58 -9.17 1.88 13.51
CA VAL A 58 -8.56 1.41 14.73
C VAL A 58 -8.38 2.59 15.66
N GLU A 59 -8.96 2.49 16.86
CA GLU A 59 -8.77 3.50 17.90
C GLU A 59 -7.56 3.10 18.71
N ILE A 60 -6.53 3.93 18.67
CA ILE A 60 -5.30 3.60 19.39
C ILE A 60 -4.56 4.88 19.69
N ASP A 61 -4.12 5.02 20.93
CA ASP A 61 -3.23 6.09 21.35
C ASP A 61 -3.79 7.46 20.98
N GLY A 62 -5.09 7.62 21.17
CA GLY A 62 -5.77 8.89 20.94
C GLY A 62 -6.10 9.21 19.50
N MET A 63 -5.95 8.27 18.58
CA MET A 63 -6.21 8.53 17.16
C MET A 63 -7.26 7.57 16.64
N LYS A 64 -7.86 7.95 15.51
CA LYS A 64 -8.80 7.09 14.79
C LYS A 64 -8.15 6.82 13.44
N LEU A 65 -7.32 5.79 13.39
CA LEU A 65 -6.53 5.52 12.19
C LEU A 65 -7.38 4.72 11.22
N VAL A 66 -7.53 5.25 10.00
CA VAL A 66 -8.03 4.47 8.87
C VAL A 66 -6.87 4.20 7.91
N GLN A 67 -7.13 3.35 6.90
CA GLN A 67 -6.18 2.77 5.95
C GLN A 67 -5.32 1.65 6.57
N THR A 68 -5.51 0.43 6.05
CA THR A 68 -4.78 -0.75 6.48
C THR A 68 -3.30 -0.47 6.77
N ARG A 69 -2.62 0.21 5.83
CA ARG A 69 -1.18 0.35 5.93
C ARG A 69 -0.76 1.39 6.96
N ALA A 70 -1.61 2.37 7.26
CA ALA A 70 -1.31 3.30 8.34
C ALA A 70 -1.42 2.60 9.70
N ILE A 71 -2.50 1.83 9.89
CA ILE A 71 -2.70 1.08 11.13
C ILE A 71 -1.52 0.15 11.37
N LEU A 72 -1.20 -0.70 10.38
CA LEU A 72 -0.12 -1.67 10.54
C LEU A 72 1.23 -1.02 10.79
N ASN A 73 1.55 0.06 10.05
CA ASN A 73 2.84 0.73 10.22
C ASN A 73 2.98 1.30 11.63
N TYR A 74 1.92 1.92 12.15
CA TYR A 74 1.95 2.43 13.52
C TYR A 74 2.13 1.30 14.53
N ILE A 75 1.35 0.22 14.38
CA ILE A 75 1.44 -0.89 15.34
C ILE A 75 2.82 -1.54 15.27
N ALA A 76 3.33 -1.74 14.06
CA ALA A 76 4.64 -2.37 13.89
C ALA A 76 5.74 -1.51 14.48
N SER A 77 5.62 -0.18 14.38
CA SER A 77 6.63 0.68 14.97
C SER A 77 6.53 0.69 16.50
N LYS A 78 5.30 0.82 17.02
CA LYS A 78 5.12 0.95 18.46
C LYS A 78 5.67 -0.27 19.20
N TYR A 79 5.46 -1.47 18.66
CA TYR A 79 5.91 -2.70 19.30
C TYR A 79 7.17 -3.28 18.68
N ASN A 80 8.05 -2.44 18.14
CA ASN A 80 9.41 -2.83 17.75
C ASN A 80 9.43 -4.00 16.77
N LEU A 81 8.48 -4.03 15.83
CA LEU A 81 8.42 -5.09 14.84
C LEU A 81 8.62 -4.55 13.43
N TYR A 82 9.31 -3.42 13.31
CA TYR A 82 9.49 -2.74 12.03
C TYR A 82 10.96 -2.50 11.74
N GLY A 83 11.82 -3.39 12.22
CA GLY A 83 13.25 -3.28 12.00
C GLY A 83 13.90 -2.29 12.96
N LYS A 84 15.23 -2.28 12.95
CA LYS A 84 15.95 -1.38 13.84
C LYS A 84 16.41 -0.09 13.14
N ASP A 85 16.48 -0.04 11.81
CA ASP A 85 16.90 1.17 11.15
C ASP A 85 16.16 1.32 9.81
N ILE A 86 16.50 2.40 9.10
CA ILE A 86 15.85 2.73 7.84
C ILE A 86 16.11 1.65 6.79
N LYS A 87 17.33 1.10 6.78
CA LYS A 87 17.64 0.09 5.77
C LYS A 87 16.86 -1.20 6.02
N GLU A 88 16.77 -1.62 7.29
CA GLU A 88 15.97 -2.80 7.60
C GLU A 88 14.52 -2.57 7.25
N ARG A 89 14.02 -1.35 7.51
CA ARG A 89 12.66 -1.01 7.12
C ARG A 89 12.44 -1.16 5.61
N ALA A 90 13.41 -0.77 4.79
CA ALA A 90 13.23 -0.88 3.35
C ALA A 90 13.09 -2.33 2.93
N LEU A 91 13.96 -3.20 3.45
CA LEU A 91 13.83 -4.64 3.24
C LEU A 91 12.48 -5.15 3.71
N ILE A 92 12.07 -4.78 4.93
CA ILE A 92 10.77 -5.20 5.44
C ILE A 92 9.65 -4.77 4.51
N ASP A 93 9.67 -3.47 4.13
CA ASP A 93 8.63 -2.91 3.27
C ASP A 93 8.59 -3.61 1.92
N MET A 94 9.76 -3.85 1.33
CA MET A 94 9.82 -4.54 0.04
C MET A 94 9.19 -5.92 0.16
N TYR A 95 9.59 -6.67 1.21
CA TYR A 95 9.02 -8.01 1.47
C TYR A 95 7.51 -7.94 1.70
N ILE A 96 7.07 -7.05 2.60
CA ILE A 96 5.66 -7.12 2.96
C ILE A 96 4.78 -6.63 1.83
N GLU A 97 5.29 -5.75 0.95
CA GLU A 97 4.44 -5.26 -0.15
C GLU A 97 4.26 -6.31 -1.23
N GLY A 98 5.28 -7.14 -1.49
CA GLY A 98 5.05 -8.34 -2.27
C GLY A 98 4.01 -9.25 -1.65
N ILE A 99 4.09 -9.48 -0.33
CA ILE A 99 3.06 -10.25 0.38
C ILE A 99 1.70 -9.56 0.23
N ALA A 100 1.67 -8.23 0.25
CA ALA A 100 0.38 -7.55 0.10
C ALA A 100 -0.19 -7.78 -1.28
N ASP A 101 0.66 -7.73 -2.32
CA ASP A 101 0.22 -7.97 -3.69
C ASP A 101 -0.43 -9.35 -3.82
N LEU A 102 0.22 -10.39 -3.29
CA LEU A 102 -0.36 -11.72 -3.35
C LEU A 102 -1.59 -11.84 -2.44
N GLY A 103 -1.50 -11.29 -1.23
CA GLY A 103 -2.65 -11.28 -0.35
C GLY A 103 -3.86 -10.59 -0.93
N GLU A 104 -3.64 -9.59 -1.81
CA GLU A 104 -4.77 -8.88 -2.40
C GLU A 104 -5.52 -9.75 -3.39
N MET A 105 -4.79 -10.44 -4.28
CA MET A 105 -5.44 -11.34 -5.23
C MET A 105 -6.29 -12.37 -4.51
N ILE A 106 -5.73 -12.99 -3.46
CA ILE A 106 -6.47 -13.99 -2.70
C ILE A 106 -7.68 -13.37 -2.03
N LEU A 107 -7.52 -12.18 -1.44
CA LEU A 107 -8.63 -11.55 -0.72
C LEU A 107 -9.83 -11.29 -1.62
N LEU A 108 -9.59 -10.98 -2.89
CA LEU A 108 -10.67 -10.61 -3.81
C LEU A 108 -11.10 -11.76 -4.71
N LEU A 109 -10.68 -12.99 -4.39
CA LEU A 109 -11.25 -14.15 -5.08
C LEU A 109 -12.76 -14.29 -4.89
N PRO A 110 -13.33 -14.20 -3.67
CA PRO A 110 -14.76 -14.48 -3.51
C PRO A 110 -15.71 -13.51 -4.20
N VAL A 111 -15.35 -12.24 -4.38
CA VAL A 111 -16.29 -11.26 -4.90
C VAL A 111 -15.84 -10.82 -6.30
N CYS A 112 -15.13 -11.70 -7.00
CA CYS A 112 -15.01 -11.66 -8.45
C CYS A 112 -16.16 -12.44 -9.08
N PRO A 113 -16.58 -12.10 -10.30
CA PRO A 113 -17.68 -12.85 -10.92
C PRO A 113 -17.27 -14.28 -11.19
N PRO A 114 -18.06 -15.28 -10.72
CA PRO A 114 -17.71 -16.69 -10.92
C PRO A 114 -17.38 -17.05 -12.37
N GLU A 115 -17.71 -16.15 -13.30
CA GLU A 115 -17.17 -16.24 -14.65
C GLU A 115 -15.64 -16.26 -14.65
N GLU A 116 -15.00 -15.55 -13.75
CA GLU A 116 -13.55 -15.53 -13.84
C GLU A 116 -12.80 -16.14 -12.70
N LYS A 117 -13.48 -16.83 -11.78
CA LYS A 117 -12.83 -17.23 -10.53
C LYS A 117 -11.64 -18.15 -10.77
N ASP A 118 -11.85 -19.26 -11.47
CA ASP A 118 -10.79 -20.26 -11.60
C ASP A 118 -9.76 -19.87 -12.65
N ALA A 119 -10.09 -18.90 -13.51
CA ALA A 119 -9.05 -18.26 -14.31
C ALA A 119 -8.12 -17.43 -13.43
N LYS A 120 -8.71 -16.66 -12.51
CA LYS A 120 -7.90 -15.88 -11.56
C LYS A 120 -7.16 -16.80 -10.60
N LEU A 121 -7.84 -17.83 -10.08
CA LEU A 121 -7.21 -18.75 -9.13
C LEU A 121 -6.02 -19.47 -9.75
N ALA A 122 -6.15 -19.91 -11.01
CA ALA A 122 -5.03 -20.57 -11.69
C ALA A 122 -3.82 -19.66 -11.81
N LEU A 123 -4.04 -18.35 -11.98
CA LEU A 123 -2.90 -17.44 -12.06
C LEU A 123 -2.33 -17.13 -10.67
N ILE A 124 -3.19 -17.02 -9.66
CA ILE A 124 -2.68 -16.93 -8.29
C ILE A 124 -1.75 -18.10 -8.00
N LYS A 125 -2.16 -19.31 -8.36
CA LYS A 125 -1.34 -20.48 -8.07
C LYS A 125 -0.02 -20.42 -8.82
N GLU A 126 -0.05 -19.99 -10.09
CA GLU A 126 1.18 -19.92 -10.86
C GLU A 126 2.15 -18.89 -10.28
N LYS A 127 1.63 -17.75 -9.83
CA LYS A 127 2.50 -16.70 -9.30
C LYS A 127 3.11 -17.10 -7.97
N ILE A 128 2.38 -17.90 -7.19
CA ILE A 128 2.90 -18.47 -5.94
C ILE A 128 4.11 -19.35 -6.23
N LYS A 129 3.95 -20.37 -7.10
CA LYS A 129 5.02 -21.31 -7.36
C LYS A 129 6.23 -20.69 -8.04
N ASN A 130 6.04 -19.72 -8.93
CA ASN A 130 7.12 -19.23 -9.78
C ASN A 130 7.58 -17.81 -9.46
N ARG A 131 6.90 -17.10 -8.58
CA ARG A 131 7.28 -15.70 -8.33
C ARG A 131 7.47 -15.44 -6.84
N TYR A 132 6.42 -15.59 -6.05
CA TYR A 132 6.49 -15.13 -4.67
C TYR A 132 7.18 -16.14 -3.76
N PHE A 133 6.83 -17.43 -3.87
CA PHE A 133 7.43 -18.44 -2.97
C PHE A 133 8.93 -18.60 -3.21
N PRO A 134 9.41 -18.59 -4.46
CA PRO A 134 10.89 -18.57 -4.65
C PRO A 134 11.54 -17.31 -4.11
N ALA A 135 10.87 -16.16 -4.20
CA ALA A 135 11.51 -14.91 -3.77
C ALA A 135 11.81 -14.96 -2.28
N PHE A 136 10.87 -15.48 -1.48
CA PHE A 136 11.08 -15.50 -0.03
C PHE A 136 11.94 -16.68 0.39
N GLU A 137 11.73 -17.86 -0.21
CA GLU A 137 12.67 -18.96 -0.03
C GLU A 137 14.10 -18.51 -0.32
N LYS A 138 14.31 -17.71 -1.39
CA LYS A 138 15.64 -17.20 -1.67
C LYS A 138 16.17 -16.34 -0.52
N VAL A 139 15.32 -15.47 0.03
CA VAL A 139 15.72 -14.63 1.17
C VAL A 139 16.12 -15.50 2.36
N LEU A 140 15.31 -16.52 2.68
CA LEU A 140 15.63 -17.36 3.83
C LEU A 140 16.87 -18.19 3.56
N LYS A 141 17.07 -18.64 2.31
CA LYS A 141 18.29 -19.37 1.97
C LYS A 141 19.50 -18.47 2.08
N SER A 142 19.33 -17.19 1.69
CA SER A 142 20.46 -16.27 1.61
C SER A 142 21.18 -16.15 2.96
N HIS A 143 20.44 -16.13 4.07
CA HIS A 143 21.07 -15.90 5.35
C HIS A 143 20.91 -17.04 6.34
N GLY A 144 19.99 -17.98 6.11
CA GLY A 144 19.88 -19.15 6.94
C GLY A 144 19.48 -18.87 8.37
N GLN A 145 18.85 -17.73 8.64
CA GLN A 145 18.40 -17.39 9.98
C GLN A 145 16.89 -17.61 10.10
N ASP A 146 16.42 -17.61 11.35
CA ASP A 146 15.03 -17.95 11.65
C ASP A 146 14.05 -16.88 11.20
N TYR A 147 14.50 -15.64 10.99
CA TYR A 147 13.57 -14.57 10.61
C TYR A 147 14.00 -13.90 9.31
N LEU A 148 13.02 -13.35 8.61
CA LEU A 148 13.31 -12.78 7.30
C LEU A 148 14.33 -11.66 7.40
N VAL A 149 14.26 -10.83 8.44
CA VAL A 149 15.07 -9.60 8.45
C VAL A 149 15.72 -9.38 9.79
N GLY A 150 17.03 -9.16 9.78
CA GLY A 150 17.77 -8.76 10.95
C GLY A 150 17.90 -9.81 12.00
N ASN A 151 17.63 -11.07 11.68
CA ASN A 151 17.75 -12.16 12.65
C ASN A 151 16.90 -11.91 13.90
N LYS A 152 15.78 -11.22 13.72
CA LYS A 152 14.90 -10.83 14.81
C LYS A 152 13.48 -10.86 14.27
N LEU A 153 12.54 -11.31 15.08
CA LEU A 153 11.16 -11.36 14.62
C LEU A 153 10.73 -9.97 14.17
N SER A 154 10.08 -9.88 13.01
CA SER A 154 9.57 -8.62 12.51
C SER A 154 8.19 -8.86 11.91
N ARG A 155 7.53 -7.75 11.52
CA ARG A 155 6.22 -7.84 10.88
C ARG A 155 6.26 -8.65 9.60
N ALA A 156 7.39 -8.64 8.88
CA ALA A 156 7.51 -9.46 7.68
C ALA A 156 7.22 -10.93 7.99
N ASP A 157 7.84 -11.46 9.05
CA ASP A 157 7.60 -12.86 9.43
C ASP A 157 6.12 -13.11 9.74
N ILE A 158 5.49 -12.19 10.49
CA ILE A 158 4.08 -12.36 10.85
C ILE A 158 3.21 -12.34 9.60
N HIS A 159 3.36 -11.29 8.77
CA HIS A 159 2.56 -11.14 7.55
C HIS A 159 2.77 -12.32 6.59
N LEU A 160 4.01 -12.78 6.46
CA LEU A 160 4.28 -13.87 5.52
C LEU A 160 3.63 -15.16 6.01
N VAL A 161 3.78 -15.48 7.30
CA VAL A 161 3.24 -16.75 7.80
C VAL A 161 1.70 -16.76 7.74
N GLU A 162 1.06 -15.62 8.01
CA GLU A 162 -0.39 -15.54 7.83
C GLU A 162 -0.78 -15.90 6.41
N LEU A 163 -0.06 -15.36 5.43
CA LEU A 163 -0.34 -15.69 4.03
C LEU A 163 -0.09 -17.17 3.74
N LEU A 164 1.00 -17.73 4.29
CA LEU A 164 1.22 -19.18 4.21
C LEU A 164 -0.01 -19.97 4.62
N TYR A 165 -0.69 -19.55 5.68
CA TYR A 165 -1.93 -20.22 6.04
C TYR A 165 -2.99 -20.10 4.94
N TYR A 166 -3.17 -18.90 4.35
CA TYR A 166 -4.18 -18.76 3.29
C TYR A 166 -3.81 -19.54 2.05
N VAL A 167 -2.51 -19.62 1.75
CA VAL A 167 -2.05 -20.45 0.63
C VAL A 167 -2.34 -21.91 0.90
N GLU A 168 -2.17 -22.36 2.15
CA GLU A 168 -2.47 -23.76 2.46
C GLU A 168 -3.95 -24.05 2.23
N GLU A 169 -4.82 -23.14 2.67
CA GLU A 169 -6.25 -23.27 2.40
C GLU A 169 -6.56 -23.36 0.91
N LEU A 170 -5.77 -22.69 0.07
CA LEU A 170 -6.10 -22.72 -1.35
C LEU A 170 -5.50 -23.94 -2.06
N ASP A 171 -4.28 -24.34 -1.67
CA ASP A 171 -3.64 -25.50 -2.27
C ASP A 171 -2.47 -25.88 -1.36
N SER A 172 -2.65 -26.98 -0.60
CA SER A 172 -1.66 -27.37 0.39
C SER A 172 -0.35 -27.82 -0.25
N SER A 173 -0.39 -28.27 -1.50
CA SER A 173 0.82 -28.68 -2.19
C SER A 173 1.70 -27.52 -2.64
N LEU A 174 1.21 -26.27 -2.58
CA LEU A 174 1.97 -25.14 -3.14
C LEU A 174 3.25 -24.86 -2.35
N ILE A 175 3.26 -25.21 -1.06
CA ILE A 175 4.43 -24.95 -0.22
C ILE A 175 5.47 -26.05 -0.31
N SER A 176 5.12 -27.21 -0.88
CA SER A 176 5.85 -28.45 -0.60
C SER A 176 7.29 -28.41 -1.13
N SER A 177 7.55 -27.66 -2.18
CA SER A 177 8.91 -27.56 -2.69
C SER A 177 9.70 -26.42 -2.05
N PHE A 178 9.21 -25.84 -0.95
CA PHE A 178 9.86 -24.70 -0.30
C PHE A 178 10.06 -25.08 1.17
N PRO A 179 11.12 -25.82 1.46
CA PRO A 179 11.33 -26.29 2.85
C PRO A 179 11.52 -25.16 3.85
N LEU A 180 12.25 -24.10 3.47
CA LEU A 180 12.52 -23.03 4.42
C LEU A 180 11.26 -22.23 4.76
N LEU A 181 10.29 -22.15 3.83
CA LEU A 181 9.02 -21.53 4.16
C LEU A 181 8.24 -22.41 5.14
N LYS A 182 8.24 -23.72 4.91
CA LYS A 182 7.65 -24.65 5.87
C LYS A 182 8.20 -24.41 7.27
N ALA A 183 9.53 -24.35 7.41
CA ALA A 183 10.13 -24.22 8.73
C ALA A 183 9.77 -22.90 9.39
N LEU A 184 9.85 -21.79 8.65
CA LEU A 184 9.38 -20.52 9.18
C LEU A 184 7.94 -20.64 9.67
N LYS A 185 7.07 -21.24 8.86
CA LYS A 185 5.67 -21.38 9.27
C LYS A 185 5.55 -22.07 10.61
N THR A 186 6.31 -23.15 10.81
CA THR A 186 6.28 -23.90 12.07
C THR A 186 6.84 -23.08 13.22
N ARG A 187 8.02 -22.48 13.03
CA ARG A 187 8.63 -21.71 14.12
C ARG A 187 7.74 -20.56 14.57
N ILE A 188 7.17 -19.81 13.61
CA ILE A 188 6.35 -18.65 13.94
C ILE A 188 5.06 -19.08 14.63
N SER A 189 4.37 -20.07 14.05
CA SER A 189 3.17 -20.60 14.68
C SER A 189 3.43 -21.08 16.10
N ASN A 190 4.67 -21.43 16.43
CA ASN A 190 4.98 -21.90 17.77
C ASN A 190 5.36 -20.79 18.75
N LEU A 191 5.56 -19.56 18.30
CA LEU A 191 5.69 -18.48 19.26
C LEU A 191 4.44 -18.47 20.16
N PRO A 192 4.62 -18.28 21.48
CA PRO A 192 3.46 -18.40 22.39
C PRO A 192 2.30 -17.48 22.03
N THR A 193 2.58 -16.26 21.56
CA THR A 193 1.50 -15.35 21.22
C THR A 193 0.78 -15.81 19.96
N VAL A 194 1.54 -16.24 18.95
CA VAL A 194 0.90 -16.73 17.73
C VAL A 194 0.20 -18.07 17.97
N LYS A 195 0.80 -18.96 18.77
CA LYS A 195 0.15 -20.25 19.06
C LYS A 195 -1.17 -20.06 19.79
N LYS A 196 -1.21 -19.16 20.77
CA LYS A 196 -2.48 -18.77 21.37
C LYS A 196 -3.46 -18.30 20.29
N PHE A 197 -3.04 -17.32 19.48
CA PHE A 197 -3.90 -16.76 18.44
C PHE A 197 -4.38 -17.83 17.48
N LEU A 198 -3.56 -18.86 17.22
CA LEU A 198 -3.97 -19.95 16.34
C LEU A 198 -4.95 -20.91 17.01
N GLN A 199 -4.98 -20.96 18.35
CA GLN A 199 -5.88 -21.85 19.05
C GLN A 199 -7.31 -21.32 19.02
N PRO A 200 -8.31 -22.20 19.16
CA PRO A 200 -9.71 -21.75 19.03
C PRO A 200 -10.07 -20.72 20.09
N GLY A 201 -11.09 -19.92 19.78
CA GLY A 201 -11.55 -18.89 20.67
C GLY A 201 -10.75 -17.61 20.63
N SER A 202 -9.80 -17.48 19.72
CA SER A 202 -9.05 -16.25 19.52
C SER A 202 -9.82 -15.33 18.58
N PRO A 203 -9.42 -14.06 18.49
CA PRO A 203 -10.02 -13.17 17.48
C PRO A 203 -9.72 -13.58 16.03
N ARG A 204 -8.86 -14.57 15.80
CA ARG A 204 -8.60 -15.00 14.42
C ARG A 204 -9.91 -15.41 13.75
N LYS A 205 -10.05 -15.08 12.45
CA LYS A 205 -11.33 -15.22 11.79
C LYS A 205 -11.30 -16.37 10.78
N PRO A 206 -12.44 -17.01 10.51
CA PRO A 206 -12.47 -18.12 9.55
C PRO A 206 -12.42 -17.60 8.13
N PRO A 207 -12.23 -18.49 7.14
CA PRO A 207 -12.48 -18.09 5.74
C PRO A 207 -13.90 -17.61 5.57
N MET A 208 -14.12 -16.77 4.56
CA MET A 208 -15.42 -16.15 4.35
C MET A 208 -16.33 -17.09 3.58
N ASP A 209 -17.47 -17.42 4.15
CA ASP A 209 -18.49 -18.18 3.43
C ASP A 209 -19.40 -17.18 2.71
N GLU A 210 -20.34 -17.69 1.93
CA GLU A 210 -21.27 -16.79 1.28
C GLU A 210 -22.19 -16.13 2.31
N LYS A 211 -22.42 -16.80 3.43
CA LYS A 211 -23.23 -16.24 4.52
C LYS A 211 -22.69 -14.88 4.96
N SER A 212 -21.38 -14.80 5.16
CA SER A 212 -20.77 -13.53 5.51
C SER A 212 -20.43 -12.67 4.29
N LEU A 213 -20.32 -13.28 3.10
CA LEU A 213 -20.13 -12.49 1.88
C LEU A 213 -21.38 -11.68 1.55
N GLU A 214 -22.56 -12.20 1.85
CA GLU A 214 -23.78 -11.45 1.62
C GLU A 214 -24.04 -10.45 2.74
N GLU A 215 -23.60 -10.74 3.96
CA GLU A 215 -23.56 -9.75 5.02
C GLU A 215 -22.72 -8.55 4.61
N ALA A 216 -21.55 -8.81 4.00
CA ALA A 216 -20.70 -7.73 3.54
C ALA A 216 -21.29 -7.01 2.34
N ARG A 217 -22.17 -7.70 1.64
CA ARG A 217 -22.85 -7.16 0.53
C ARG A 217 -23.91 -6.15 0.98
N LYS A 218 -24.60 -6.43 2.07
CA LYS A 218 -25.63 -5.58 2.64
C LYS A 218 -25.03 -4.40 3.41
N ILE A 219 -23.83 -4.56 3.97
CA ILE A 219 -23.20 -3.48 4.74
C ILE A 219 -22.54 -2.47 3.81
N PHE A 220 -21.92 -2.93 2.72
CA PHE A 220 -21.18 -2.06 1.82
C PHE A 220 -21.92 -1.77 0.52
N ARG A 221 -23.09 -2.37 0.31
CA ARG A 221 -23.94 -2.12 -0.86
C ARG A 221 -23.22 -2.38 -2.18
N LYS B 4 24.54 8.41 -7.24
CA LYS B 4 23.19 8.97 -7.19
C LYS B 4 22.14 7.91 -7.55
N PRO B 5 20.91 8.09 -7.07
CA PRO B 5 19.89 7.03 -7.26
C PRO B 5 19.62 6.77 -8.73
N LYS B 6 19.38 5.50 -9.05
CA LYS B 6 19.15 5.05 -10.41
C LYS B 6 17.75 4.47 -10.51
N LEU B 7 16.88 5.12 -11.28
CA LEU B 7 15.48 4.73 -11.39
C LEU B 7 15.30 3.80 -12.59
N HIS B 8 14.75 2.62 -12.36
CA HIS B 8 14.51 1.64 -13.41
C HIS B 8 13.01 1.57 -13.69
N TYR B 9 12.59 2.18 -14.79
CA TYR B 9 11.21 2.12 -15.26
C TYR B 9 11.22 2.34 -16.77
N PHE B 10 10.05 2.47 -17.38
CA PHE B 10 9.98 2.90 -18.77
C PHE B 10 9.58 4.36 -18.84
N ASN B 11 9.77 4.96 -20.02
CA ASN B 11 9.59 6.40 -20.18
C ASN B 11 8.10 6.71 -20.18
N ALA B 12 7.56 6.77 -18.96
CA ALA B 12 6.16 7.10 -18.70
C ALA B 12 6.01 7.33 -17.20
N ARG B 13 4.86 7.90 -16.82
CA ARG B 13 4.55 8.14 -15.41
C ARG B 13 4.44 6.81 -14.67
N GLY B 14 3.37 6.06 -14.94
CA GLY B 14 3.20 4.75 -14.34
C GLY B 14 3.32 4.81 -12.84
N ARG B 15 3.98 3.79 -12.28
CA ARG B 15 4.16 3.67 -10.84
C ARG B 15 5.46 4.31 -10.36
N MET B 16 6.18 5.02 -11.23
CA MET B 16 7.47 5.63 -10.89
C MET B 16 7.37 7.14 -10.68
N GLU B 17 6.32 7.78 -11.21
CA GLU B 17 6.24 9.23 -11.19
C GLU B 17 6.26 9.81 -9.77
N SER B 18 5.57 9.16 -8.82
CA SER B 18 5.51 9.70 -7.46
C SER B 18 6.89 9.68 -6.79
N THR B 19 7.76 8.75 -7.21
CA THR B 19 9.16 8.74 -6.77
C THR B 19 9.92 9.90 -7.37
N ARG B 20 9.76 10.10 -8.69
CA ARG B 20 10.35 11.27 -9.35
C ARG B 20 9.97 12.55 -8.63
N TRP B 21 8.67 12.75 -8.40
CA TRP B 21 8.19 13.91 -7.64
C TRP B 21 8.86 14.04 -6.28
N LEU B 22 8.93 12.93 -5.51
CA LEU B 22 9.41 13.02 -4.14
C LEU B 22 10.90 13.30 -4.08
N LEU B 23 11.68 12.61 -4.92
CA LEU B 23 13.11 12.90 -5.04
C LEU B 23 13.35 14.34 -5.50
N ALA B 24 12.64 14.76 -6.54
CA ALA B 24 12.81 16.13 -7.02
C ALA B 24 12.52 17.14 -5.91
N ALA B 25 11.38 16.97 -5.21
CA ALA B 25 11.02 17.90 -4.15
C ALA B 25 12.09 17.94 -3.06
N ALA B 26 12.75 16.82 -2.79
CA ALA B 26 13.85 16.82 -1.82
C ALA B 26 15.17 17.26 -2.44
N GLY B 27 15.14 17.79 -3.66
CA GLY B 27 16.36 18.26 -4.29
C GLY B 27 17.42 17.20 -4.50
N VAL B 28 17.02 16.00 -4.87
CA VAL B 28 17.93 14.88 -5.11
C VAL B 28 17.98 14.61 -6.60
N GLU B 29 19.15 14.72 -7.19
CA GLU B 29 19.31 14.42 -8.60
C GLU B 29 19.40 12.91 -8.79
N PHE B 30 18.77 12.40 -9.86
CA PHE B 30 18.76 10.98 -10.13
C PHE B 30 18.95 10.71 -11.62
N GLU B 31 19.42 9.50 -11.93
CA GLU B 31 19.45 8.99 -13.30
C GLU B 31 18.30 8.04 -13.52
N GLU B 32 17.80 8.01 -14.75
CA GLU B 32 16.79 7.04 -15.16
C GLU B 32 17.38 6.12 -16.22
N LYS B 33 17.11 4.83 -16.06
CA LYS B 33 17.53 3.79 -17.00
C LYS B 33 16.26 3.24 -17.64
N PHE B 34 15.88 3.83 -18.78
CA PHE B 34 14.60 3.49 -19.37
C PHE B 34 14.61 2.09 -19.99
N ILE B 35 13.61 1.29 -19.65
CA ILE B 35 13.33 0.04 -20.35
C ILE B 35 12.57 0.36 -21.63
N LYS B 36 12.98 -0.30 -22.73
CA LYS B 36 12.33 -0.12 -24.02
C LYS B 36 11.65 -1.37 -24.56
N SER B 37 12.00 -2.55 -24.07
CA SER B 37 11.49 -3.79 -24.61
C SER B 37 11.22 -4.76 -23.47
N ALA B 38 10.41 -5.79 -23.74
CA ALA B 38 10.36 -6.92 -22.81
C ALA B 38 11.73 -7.55 -22.65
N GLU B 39 12.54 -7.53 -23.72
CA GLU B 39 13.90 -8.04 -23.67
C GLU B 39 14.69 -7.37 -22.54
N ASP B 40 14.63 -6.03 -22.48
CA ASP B 40 15.33 -5.27 -21.45
C ASP B 40 14.76 -5.53 -20.05
N LEU B 41 13.45 -5.84 -19.96
CA LEU B 41 12.90 -6.19 -18.66
C LEU B 41 13.43 -7.54 -18.19
N ASP B 42 13.52 -8.51 -19.11
CA ASP B 42 14.02 -9.84 -18.77
C ASP B 42 15.51 -9.81 -18.43
N LYS B 43 16.28 -8.90 -19.04
CA LYS B 43 17.66 -8.68 -18.63
C LYS B 43 17.76 -8.39 -17.14
N LEU B 44 16.89 -7.50 -16.64
CA LEU B 44 16.85 -7.17 -15.22
C LEU B 44 16.42 -8.38 -14.38
N ARG B 45 15.46 -9.16 -14.87
CA ARG B 45 14.94 -10.27 -14.08
C ARG B 45 15.99 -11.37 -13.92
N ASN B 46 16.59 -11.79 -15.04
CA ASN B 46 17.60 -12.85 -15.05
C ASN B 46 18.88 -12.40 -14.37
N ASP B 47 19.22 -11.13 -14.45
CA ASP B 47 20.29 -10.61 -13.62
C ASP B 47 19.90 -10.51 -12.12
N GLY B 48 18.75 -11.04 -11.67
CA GLY B 48 18.36 -11.05 -10.27
C GLY B 48 18.07 -9.69 -9.64
N TYR B 49 17.92 -8.64 -10.45
CA TYR B 49 17.79 -7.29 -9.88
C TYR B 49 16.40 -7.00 -9.32
N LEU B 50 15.39 -7.81 -9.66
CA LEU B 50 14.00 -7.52 -9.31
C LEU B 50 13.48 -8.65 -8.44
N MET B 51 13.30 -8.37 -7.15
CA MET B 51 12.88 -9.39 -6.21
C MET B 51 11.64 -10.16 -6.62
N PHE B 52 10.68 -9.46 -7.14
CA PHE B 52 9.45 -10.07 -7.61
C PHE B 52 9.33 -10.04 -9.12
N GLN B 53 10.43 -9.78 -9.83
CA GLN B 53 10.49 -9.70 -11.30
C GLN B 53 9.68 -8.52 -11.83
N GLN B 54 9.70 -7.40 -11.11
CA GLN B 54 8.84 -6.27 -11.41
C GLN B 54 9.61 -4.97 -11.22
N VAL B 55 9.22 -3.96 -12.02
CA VAL B 55 9.62 -2.58 -11.79
C VAL B 55 8.38 -1.82 -11.34
N PRO B 56 8.50 -0.66 -10.68
CA PRO B 56 9.66 0.17 -10.32
C PRO B 56 10.76 -0.52 -9.53
N MET B 57 11.99 -0.20 -9.88
CA MET B 57 13.15 -0.57 -9.08
C MET B 57 14.08 0.63 -9.01
N VAL B 58 14.64 0.86 -7.83
CA VAL B 58 15.54 1.98 -7.62
C VAL B 58 16.82 1.47 -6.95
N GLU B 59 17.96 1.82 -7.55
CA GLU B 59 19.27 1.60 -6.94
C GLU B 59 19.60 2.81 -6.08
N ILE B 60 19.68 2.62 -4.78
CA ILE B 60 19.97 3.69 -3.83
C ILE B 60 20.64 3.08 -2.60
N ASP B 61 21.77 3.67 -2.19
CA ASP B 61 22.45 3.37 -0.94
C ASP B 61 22.82 1.88 -0.81
N GLY B 62 23.09 1.21 -1.93
CA GLY B 62 23.52 -0.17 -1.92
C GLY B 62 22.43 -1.19 -2.19
N MET B 63 21.16 -0.79 -2.15
CA MET B 63 20.04 -1.72 -2.26
C MET B 63 19.40 -1.65 -3.64
N LYS B 64 18.71 -2.73 -3.99
CA LYS B 64 17.90 -2.78 -5.21
C LYS B 64 16.43 -2.86 -4.80
N LEU B 65 15.86 -1.70 -4.45
CA LEU B 65 14.51 -1.64 -3.89
C LEU B 65 13.46 -1.71 -4.98
N VAL B 66 12.64 -2.75 -4.94
CA VAL B 66 11.40 -2.79 -5.71
C VAL B 66 10.25 -2.49 -4.76
N GLN B 67 9.01 -2.47 -5.28
CA GLN B 67 7.78 -2.07 -4.58
C GLN B 67 7.71 -0.56 -4.35
N THR B 68 6.73 0.10 -4.99
CA THR B 68 6.57 1.55 -4.90
C THR B 68 6.66 2.05 -3.46
N ARG B 69 5.92 1.41 -2.54
CA ARG B 69 5.84 1.94 -1.19
C ARG B 69 7.13 1.73 -0.41
N ALA B 70 7.87 0.66 -0.70
CA ALA B 70 9.21 0.48 -0.12
C ALA B 70 10.16 1.59 -0.57
N ILE B 71 10.15 1.90 -1.87
CA ILE B 71 10.95 3.01 -2.40
C ILE B 71 10.58 4.31 -1.70
N LEU B 72 9.29 4.66 -1.72
CA LEU B 72 8.86 5.97 -1.23
C LEU B 72 9.12 6.14 0.26
N ASN B 73 8.76 5.12 1.05
CA ASN B 73 8.98 5.15 2.50
C ASN B 73 10.45 5.37 2.84
N TYR B 74 11.34 4.71 2.09
CA TYR B 74 12.77 4.88 2.34
C TYR B 74 13.24 6.29 1.94
N ILE B 75 12.86 6.77 0.75
CA ILE B 75 13.27 8.13 0.38
C ILE B 75 12.69 9.15 1.36
N ALA B 76 11.46 8.90 1.85
CA ALA B 76 10.81 9.86 2.72
C ALA B 76 11.54 9.99 4.06
N SER B 77 12.01 8.86 4.61
CA SER B 77 12.75 8.91 5.87
C SER B 77 14.13 9.50 5.67
N LYS B 78 14.84 9.02 4.63
CA LYS B 78 16.20 9.49 4.36
C LYS B 78 16.25 11.02 4.31
N TYR B 79 15.36 11.63 3.55
CA TYR B 79 15.34 13.08 3.39
C TYR B 79 14.33 13.78 4.29
N ASN B 80 13.93 13.13 5.40
CA ASN B 80 13.22 13.82 6.50
C ASN B 80 11.88 14.41 6.07
N LEU B 81 11.19 13.70 5.19
CA LEU B 81 9.86 14.10 4.75
C LEU B 81 8.81 13.13 5.27
N TYR B 82 9.12 12.42 6.34
CA TYR B 82 8.22 11.43 6.92
C TYR B 82 7.74 11.83 8.31
N GLY B 83 7.80 13.12 8.64
CA GLY B 83 7.38 13.58 9.95
C GLY B 83 8.46 13.36 11.00
N LYS B 84 8.12 13.74 12.25
CA LYS B 84 9.11 13.71 13.32
C LYS B 84 8.94 12.58 14.32
N ASP B 85 7.80 11.87 14.35
CA ASP B 85 7.63 10.72 15.22
C ASP B 85 6.59 9.78 14.60
N ILE B 86 6.35 8.64 15.26
CA ILE B 86 5.47 7.65 14.63
C ILE B 86 4.00 8.07 14.71
N LYS B 87 3.63 8.98 15.60
CA LYS B 87 2.29 9.54 15.54
C LYS B 87 2.14 10.47 14.34
N GLU B 88 3.17 11.27 14.04
CA GLU B 88 3.14 12.03 12.79
C GLU B 88 3.24 11.13 11.57
N ARG B 89 4.00 10.02 11.64
CA ARG B 89 4.01 9.15 10.47
C ARG B 89 2.65 8.48 10.27
N ALA B 90 1.85 8.35 11.33
CA ALA B 90 0.54 7.70 11.19
C ALA B 90 -0.49 8.62 10.53
N LEU B 91 -0.48 9.91 10.88
CA LEU B 91 -1.26 10.89 10.13
C LEU B 91 -0.86 10.89 8.66
N ILE B 92 0.45 11.01 8.41
CA ILE B 92 0.94 11.01 7.02
C ILE B 92 0.51 9.74 6.29
N ASP B 93 0.68 8.59 6.92
CA ASP B 93 0.34 7.33 6.26
C ASP B 93 -1.16 7.27 5.95
N MET B 94 -2.00 7.68 6.91
CA MET B 94 -3.43 7.69 6.65
C MET B 94 -3.76 8.60 5.47
N TYR B 95 -3.09 9.76 5.40
CA TYR B 95 -3.34 10.70 4.29
C TYR B 95 -2.88 10.13 2.95
N ILE B 96 -1.63 9.69 2.86
CA ILE B 96 -1.07 9.29 1.58
C ILE B 96 -1.69 8.00 1.05
N GLU B 97 -2.25 7.16 1.93
CA GLU B 97 -2.94 5.97 1.46
C GLU B 97 -4.30 6.30 0.88
N GLY B 98 -4.98 7.33 1.41
CA GLY B 98 -6.12 7.86 0.71
C GLY B 98 -5.75 8.38 -0.67
N ILE B 99 -4.67 9.17 -0.72
CA ILE B 99 -4.17 9.68 -1.98
C ILE B 99 -3.83 8.54 -2.93
N ALA B 100 -3.12 7.51 -2.44
CA ALA B 100 -2.76 6.43 -3.34
C ALA B 100 -3.99 5.64 -3.82
N ASP B 101 -5.06 5.64 -3.04
CA ASP B 101 -6.28 4.97 -3.48
C ASP B 101 -6.91 5.69 -4.67
N LEU B 102 -6.97 7.02 -4.59
CA LEU B 102 -7.49 7.80 -5.70
C LEU B 102 -6.52 7.79 -6.87
N GLY B 103 -5.24 8.00 -6.58
CA GLY B 103 -4.21 7.92 -7.60
C GLY B 103 -4.26 6.62 -8.37
N GLU B 104 -4.48 5.50 -7.66
CA GLU B 104 -4.56 4.19 -8.32
C GLU B 104 -5.72 4.14 -9.31
N MET B 105 -6.89 4.68 -8.94
CA MET B 105 -8.02 4.71 -9.88
C MET B 105 -7.64 5.46 -11.15
N ILE B 106 -6.97 6.60 -11.01
CA ILE B 106 -6.61 7.42 -12.15
C ILE B 106 -5.54 6.73 -12.98
N LEU B 107 -4.53 6.15 -12.32
CA LEU B 107 -3.48 5.44 -13.04
C LEU B 107 -4.03 4.33 -13.93
N LEU B 108 -5.13 3.72 -13.53
CA LEU B 108 -5.65 2.55 -14.23
C LEU B 108 -6.79 2.87 -15.18
N LEU B 109 -7.23 4.13 -15.24
CA LEU B 109 -8.22 4.52 -16.26
C LEU B 109 -7.81 4.13 -17.68
N PRO B 110 -6.61 4.45 -18.17
CA PRO B 110 -6.28 4.11 -19.58
C PRO B 110 -6.23 2.62 -19.88
N VAL B 111 -5.95 1.77 -18.88
CA VAL B 111 -5.89 0.33 -19.10
C VAL B 111 -7.21 -0.36 -18.80
N CYS B 112 -8.25 0.40 -18.43
CA CYS B 112 -9.56 -0.21 -18.20
C CYS B 112 -10.12 -0.77 -19.52
N PRO B 113 -10.93 -1.81 -19.46
CA PRO B 113 -11.69 -2.24 -20.63
C PRO B 113 -12.56 -1.11 -21.16
N PRO B 114 -12.52 -0.86 -22.47
CA PRO B 114 -13.14 0.35 -23.05
C PRO B 114 -14.60 0.58 -22.67
N GLU B 115 -15.37 -0.50 -22.48
CA GLU B 115 -16.77 -0.41 -22.10
C GLU B 115 -16.96 -0.01 -20.63
N GLU B 116 -15.94 -0.15 -19.79
CA GLU B 116 -16.03 0.27 -18.40
C GLU B 116 -15.53 1.69 -18.16
N LYS B 117 -14.96 2.34 -19.17
CA LYS B 117 -14.25 3.59 -18.92
C LYS B 117 -15.20 4.76 -18.59
N ASP B 118 -16.39 4.80 -19.19
CA ASP B 118 -17.31 5.88 -18.84
C ASP B 118 -17.73 5.79 -17.38
N ALA B 119 -18.07 4.58 -16.92
CA ALA B 119 -18.48 4.39 -15.52
C ALA B 119 -17.35 4.68 -14.55
N LYS B 120 -16.15 4.16 -14.82
CA LYS B 120 -15.03 4.37 -13.91
C LYS B 120 -14.71 5.86 -13.75
N LEU B 121 -14.67 6.60 -14.88
CA LEU B 121 -14.37 8.04 -14.81
C LEU B 121 -15.41 8.79 -14.00
N ALA B 122 -16.70 8.49 -14.22
CA ALA B 122 -17.76 9.09 -13.42
C ALA B 122 -17.53 8.82 -11.93
N LEU B 123 -17.21 7.57 -11.59
CA LEU B 123 -16.97 7.21 -10.21
C LEU B 123 -15.80 7.99 -9.63
N ILE B 124 -14.69 8.09 -10.39
CA ILE B 124 -13.54 8.85 -9.91
C ILE B 124 -13.97 10.26 -9.55
N LYS B 125 -14.77 10.90 -10.42
CA LYS B 125 -15.19 12.27 -10.17
C LYS B 125 -16.07 12.36 -8.95
N GLU B 126 -17.00 11.41 -8.79
CA GLU B 126 -17.86 11.40 -7.61
C GLU B 126 -17.05 11.24 -6.33
N LYS B 127 -16.06 10.35 -6.33
CA LYS B 127 -15.26 10.21 -5.10
C LYS B 127 -14.33 11.41 -4.89
N ILE B 128 -13.78 11.98 -5.97
CA ILE B 128 -13.00 13.22 -5.85
C ILE B 128 -13.83 14.27 -5.13
N LYS B 129 -15.07 14.48 -5.59
CA LYS B 129 -15.85 15.60 -5.12
C LYS B 129 -16.42 15.37 -3.73
N ASN B 130 -16.83 14.13 -3.41
CA ASN B 130 -17.53 13.86 -2.16
C ASN B 130 -16.68 13.22 -1.08
N ARG B 131 -15.60 12.54 -1.44
CA ARG B 131 -14.81 11.78 -0.47
C ARG B 131 -13.43 12.36 -0.25
N TYR B 132 -12.63 12.50 -1.31
CA TYR B 132 -11.21 12.77 -1.08
C TYR B 132 -10.92 14.25 -0.89
N PHE B 133 -11.44 15.12 -1.76
CA PHE B 133 -11.21 16.55 -1.60
C PHE B 133 -11.82 17.09 -0.31
N PRO B 134 -13.07 16.77 0.06
CA PRO B 134 -13.55 17.18 1.40
C PRO B 134 -12.70 16.66 2.55
N ALA B 135 -12.20 15.43 2.44
CA ALA B 135 -11.36 14.90 3.50
C ALA B 135 -10.10 15.74 3.68
N PHE B 136 -9.47 16.12 2.58
CA PHE B 136 -8.21 16.84 2.73
C PHE B 136 -8.41 18.33 2.99
N GLU B 137 -9.49 18.91 2.48
CA GLU B 137 -9.84 20.28 2.85
C GLU B 137 -10.10 20.40 4.35
N LYS B 138 -10.77 19.38 4.93
CA LYS B 138 -11.09 19.40 6.36
C LYS B 138 -9.83 19.34 7.22
N VAL B 139 -8.82 18.59 6.77
CA VAL B 139 -7.53 18.59 7.47
C VAL B 139 -6.92 19.99 7.47
N LEU B 140 -6.86 20.63 6.31
CA LEU B 140 -6.24 21.95 6.23
C LEU B 140 -7.04 22.97 7.03
N LYS B 141 -8.38 22.95 6.91
CA LYS B 141 -9.21 23.87 7.69
C LYS B 141 -9.08 23.63 9.20
N SER B 142 -8.70 22.40 9.60
CA SER B 142 -8.75 22.06 11.01
C SER B 142 -7.60 22.71 11.79
N HIS B 143 -6.40 22.75 11.21
CA HIS B 143 -5.28 23.41 11.88
C HIS B 143 -4.86 24.73 11.24
N GLY B 144 -5.34 25.03 10.03
CA GLY B 144 -5.09 26.32 9.40
C GLY B 144 -3.68 26.54 8.88
N GLN B 145 -2.79 25.54 8.99
CA GLN B 145 -1.39 25.69 8.66
C GLN B 145 -1.15 25.50 7.16
N ASP B 146 0.07 25.81 6.73
CA ASP B 146 0.40 25.75 5.33
C ASP B 146 0.75 24.35 4.85
N TYR B 147 0.94 23.41 5.77
CA TYR B 147 1.29 22.04 5.42
C TYR B 147 0.32 21.08 6.11
N LEU B 148 0.22 19.89 5.52
CA LEU B 148 -0.76 18.93 6.02
C LEU B 148 -0.44 18.46 7.43
N VAL B 149 0.83 18.25 7.75
CA VAL B 149 1.20 17.66 9.04
C VAL B 149 2.40 18.37 9.63
N GLY B 150 2.31 18.72 10.91
CA GLY B 150 3.45 19.24 11.63
C GLY B 150 3.86 20.65 11.25
N ASN B 151 3.01 21.38 10.55
CA ASN B 151 3.32 22.75 10.12
C ASN B 151 4.65 22.82 9.36
N LYS B 152 4.96 21.76 8.63
CA LYS B 152 6.25 21.61 7.99
C LYS B 152 6.04 20.75 6.75
N LEU B 153 6.87 20.97 5.73
CA LEU B 153 6.72 20.23 4.48
C LEU B 153 6.99 18.75 4.70
N SER B 154 6.15 17.89 4.12
CA SER B 154 6.35 16.45 4.22
C SER B 154 5.91 15.78 2.93
N ARG B 155 6.16 14.46 2.84
CA ARG B 155 5.71 13.72 1.66
C ARG B 155 4.20 13.84 1.43
N ALA B 156 3.42 14.05 2.50
CA ALA B 156 1.98 14.17 2.33
C ALA B 156 1.62 15.35 1.43
N ASP B 157 2.32 16.48 1.59
CA ASP B 157 2.08 17.62 0.71
C ASP B 157 2.50 17.31 -0.72
N ILE B 158 3.66 16.68 -0.90
CA ILE B 158 4.15 16.37 -2.25
C ILE B 158 3.19 15.42 -2.97
N HIS B 159 2.80 14.32 -2.30
CA HIS B 159 1.91 13.34 -2.93
C HIS B 159 0.55 13.96 -3.25
N LEU B 160 0.04 14.80 -2.35
CA LEU B 160 -1.28 15.38 -2.57
C LEU B 160 -1.26 16.34 -3.75
N VAL B 161 -0.25 17.24 -3.80
CA VAL B 161 -0.19 18.22 -4.90
C VAL B 161 0.00 17.51 -6.24
N GLU B 162 0.86 16.48 -6.28
CA GLU B 162 1.01 15.69 -7.51
C GLU B 162 -0.34 15.22 -8.01
N LEU B 163 -1.16 14.71 -7.10
CA LEU B 163 -2.49 14.19 -7.45
C LEU B 163 -3.43 15.31 -7.90
N LEU B 164 -3.32 16.50 -7.29
CA LEU B 164 -4.09 17.65 -7.75
C LEU B 164 -3.82 17.94 -9.23
N TYR B 165 -2.56 17.89 -9.65
CA TYR B 165 -2.27 18.11 -11.08
C TYR B 165 -2.97 17.07 -11.94
N TYR B 166 -3.06 15.81 -11.49
CA TYR B 166 -3.77 14.82 -12.29
C TYR B 166 -5.27 15.04 -12.27
N VAL B 167 -5.80 15.64 -11.20
CA VAL B 167 -7.22 15.93 -11.19
C VAL B 167 -7.52 17.10 -12.12
N GLU B 168 -6.65 18.10 -12.12
CA GLU B 168 -6.77 19.23 -13.03
C GLU B 168 -6.82 18.76 -14.48
N GLU B 169 -5.89 17.87 -14.87
CA GLU B 169 -5.89 17.32 -16.22
C GLU B 169 -7.18 16.58 -16.54
N LEU B 170 -7.82 15.99 -15.53
CA LEU B 170 -9.05 15.25 -15.79
C LEU B 170 -10.27 16.16 -15.82
N ASP B 171 -10.27 17.18 -14.97
CA ASP B 171 -11.41 18.08 -14.88
C ASP B 171 -11.00 19.22 -13.96
N SER B 172 -10.66 20.37 -14.57
CA SER B 172 -10.18 21.52 -13.81
C SER B 172 -11.26 22.14 -12.94
N SER B 173 -12.53 21.72 -13.10
CA SER B 173 -13.59 22.23 -12.24
C SER B 173 -13.63 21.56 -10.86
N LEU B 174 -13.01 20.38 -10.73
CA LEU B 174 -13.25 19.54 -9.54
C LEU B 174 -12.68 20.18 -8.29
N ILE B 175 -11.53 20.86 -8.39
CA ILE B 175 -10.93 21.51 -7.22
C ILE B 175 -11.57 22.87 -6.89
N SER B 176 -12.47 23.38 -7.74
CA SER B 176 -12.93 24.77 -7.64
C SER B 176 -13.63 25.08 -6.31
N SER B 177 -14.39 24.13 -5.75
CA SER B 177 -15.05 24.38 -4.45
C SER B 177 -14.14 24.20 -3.25
N PHE B 178 -12.85 23.93 -3.45
CA PHE B 178 -11.94 23.60 -2.35
C PHE B 178 -10.83 24.63 -2.31
N PRO B 179 -11.05 25.77 -1.62
CA PRO B 179 -10.07 26.87 -1.64
C PRO B 179 -8.72 26.51 -1.04
N LEU B 180 -8.71 25.78 0.08
CA LEU B 180 -7.45 25.52 0.77
C LEU B 180 -6.59 24.53 0.01
N LEU B 181 -7.20 23.63 -0.76
CA LEU B 181 -6.43 22.76 -1.64
C LEU B 181 -5.79 23.57 -2.75
N LYS B 182 -6.56 24.50 -3.35
CA LYS B 182 -6.01 25.42 -4.34
C LYS B 182 -4.77 26.14 -3.82
N ALA B 183 -4.87 26.73 -2.62
CA ALA B 183 -3.75 27.49 -2.07
C ALA B 183 -2.57 26.58 -1.74
N LEU B 184 -2.85 25.31 -1.36
CA LEU B 184 -1.75 24.39 -1.13
C LEU B 184 -1.06 24.04 -2.44
N LYS B 185 -1.86 23.85 -3.49
CA LYS B 185 -1.30 23.55 -4.80
C LYS B 185 -0.35 24.66 -5.26
N THR B 186 -0.72 25.92 -5.06
CA THR B 186 0.17 26.99 -5.51
C THR B 186 1.39 27.12 -4.61
N ARG B 187 1.21 26.98 -3.29
CA ARG B 187 2.32 27.13 -2.35
C ARG B 187 3.38 26.06 -2.55
N ILE B 188 2.95 24.82 -2.79
CA ILE B 188 3.91 23.75 -2.99
C ILE B 188 4.53 23.85 -4.38
N SER B 189 3.72 24.28 -5.36
CA SER B 189 4.20 24.50 -6.71
C SER B 189 5.33 25.53 -6.75
N ASN B 190 5.29 26.50 -5.84
CA ASN B 190 6.26 27.57 -5.83
C ASN B 190 7.38 27.34 -4.84
N LEU B 191 7.48 26.14 -4.29
CA LEU B 191 8.70 25.76 -3.59
C LEU B 191 9.81 25.61 -4.61
N PRO B 192 11.00 26.15 -4.34
CA PRO B 192 12.10 26.09 -5.33
C PRO B 192 12.30 24.75 -6.01
N THR B 193 12.44 23.65 -5.25
CA THR B 193 12.72 22.39 -5.90
C THR B 193 11.53 21.92 -6.73
N VAL B 194 10.31 22.16 -6.23
CA VAL B 194 9.12 21.74 -6.96
C VAL B 194 8.92 22.60 -8.21
N LYS B 195 9.15 23.91 -8.10
CA LYS B 195 8.99 24.80 -9.25
C LYS B 195 9.93 24.39 -10.38
N LYS B 196 11.17 24.01 -10.05
CA LYS B 196 12.09 23.54 -11.07
C LYS B 196 11.59 22.25 -11.71
N PHE B 197 11.01 21.35 -10.91
CA PHE B 197 10.51 20.10 -11.44
C PHE B 197 9.32 20.32 -12.37
N LEU B 198 8.48 21.29 -12.06
CA LEU B 198 7.30 21.57 -12.86
C LEU B 198 7.65 22.27 -14.18
N GLN B 199 8.82 22.92 -14.26
CA GLN B 199 9.21 23.64 -15.46
C GLN B 199 9.52 22.71 -16.62
N PRO B 200 9.46 23.21 -17.86
CA PRO B 200 9.82 22.38 -19.02
C PRO B 200 11.23 21.82 -18.90
N GLY B 201 11.43 20.66 -19.52
CA GLY B 201 12.72 20.01 -19.57
C GLY B 201 13.17 19.28 -18.34
N SER B 202 12.30 19.09 -17.33
CA SER B 202 12.63 18.33 -16.12
C SER B 202 12.39 16.83 -16.33
N PRO B 203 12.67 15.96 -15.36
CA PRO B 203 12.30 14.53 -15.53
C PRO B 203 10.81 14.25 -15.41
N ARG B 204 10.00 15.23 -15.03
CA ARG B 204 8.53 15.06 -15.00
C ARG B 204 8.02 14.53 -16.34
N LYS B 205 7.07 13.54 -16.27
CA LYS B 205 6.60 12.84 -17.46
C LYS B 205 5.20 13.29 -17.83
N PRO B 206 4.86 13.29 -19.13
CA PRO B 206 3.53 13.76 -19.55
C PRO B 206 2.45 12.74 -19.20
N PRO B 207 1.18 13.07 -19.46
CA PRO B 207 0.15 12.02 -19.46
C PRO B 207 0.47 10.94 -20.48
N MET B 208 -0.10 9.76 -20.26
CA MET B 208 0.22 8.61 -21.10
C MET B 208 -0.72 8.60 -22.30
N ASP B 209 -0.17 8.92 -23.48
CA ASP B 209 -0.90 8.87 -24.74
C ASP B 209 -1.04 7.45 -25.27
N GLU B 210 -1.38 7.31 -26.55
CA GLU B 210 -1.63 6.00 -27.12
C GLU B 210 -0.32 5.25 -27.36
N LYS B 211 0.65 5.90 -28.00
CA LYS B 211 1.90 5.25 -28.35
C LYS B 211 2.57 4.67 -27.10
N SER B 212 2.66 5.49 -26.04
CA SER B 212 3.30 5.04 -24.82
C SER B 212 2.55 3.88 -24.19
N LEU B 213 1.21 3.88 -24.29
CA LEU B 213 0.46 2.80 -23.65
C LEU B 213 0.74 1.45 -24.32
N GLU B 214 0.91 1.43 -25.65
CA GLU B 214 1.19 0.15 -26.27
C GLU B 214 2.66 -0.21 -26.22
N GLU B 215 3.55 0.76 -26.02
CA GLU B 215 4.90 0.47 -25.58
C GLU B 215 4.88 -0.30 -24.26
N ALA B 216 3.94 0.06 -23.37
CA ALA B 216 3.87 -0.59 -22.06
C ALA B 216 3.42 -2.04 -22.17
N ARG B 217 2.35 -2.28 -22.91
CA ARG B 217 1.85 -3.64 -23.05
C ARG B 217 2.89 -4.55 -23.71
N LYS B 218 3.63 -4.04 -24.68
CA LYS B 218 4.66 -4.88 -25.28
C LYS B 218 5.71 -5.28 -24.25
N ILE B 219 6.11 -4.35 -23.38
CA ILE B 219 7.17 -4.63 -22.40
C ILE B 219 6.67 -5.62 -21.35
N PHE B 220 5.48 -5.37 -20.81
CA PHE B 220 4.85 -6.28 -19.83
C PHE B 220 3.99 -7.32 -20.51
N ARG B 221 4.44 -7.80 -21.67
CA ARG B 221 3.80 -8.82 -22.52
C ARG B 221 2.28 -8.91 -22.39
N1 P9H C . -7.10 1.20 1.14
C4 P9H C . -13.38 -6.92 0.33
C5 P9H C . -13.14 -8.28 0.33
C6 P9H C . -13.56 -9.06 1.37
C7 P9H C . -14.21 -8.49 2.42
C8 P9H C . -14.45 -7.13 2.44
C10 P9H C . -13.98 -1.19 2.44
C13 P9H C . -9.38 0.41 1.55
C15 P9H C . -7.62 0.25 3.38
C17 P9H C . -16.82 1.24 1.80
N P9H C . -12.70 -0.64 2.81
C P9H C . -16.53 -5.58 0.71
O P9H C . -17.18 -5.45 -0.27
C1 P9H C . -15.77 -4.50 1.40
C11 P9H C . -11.78 -0.26 1.92
C12 P9H C . -10.57 0.44 2.47
C14 P9H C . -8.13 1.05 2.17
C16 P9H C . -15.03 -0.12 2.70
C18 P9H C . -16.62 2.35 0.81
C2 P9H C . -14.29 -4.82 1.39
C3 P9H C . -14.04 -6.32 1.39
C9 P9H C . -14.33 -2.47 3.20
N2 P9H C . -15.83 0.20 1.69
O1 P9H C . -7.99 0.43 4.47
O2 P9H C . -6.80 -0.62 3.07
O3 P9H C . -11.89 -0.51 0.73
O4 P9H C . -15.13 0.43 3.79
O5 P9H C . -17.36 3.26 0.74
O6 P9H C . -15.63 2.23 0.03
S P9H C . -13.41 -3.97 2.77
C1 GOL D . -4.29 -2.77 -1.92
O1 GOL D . -2.94 -2.49 -1.62
C2 GOL D . -5.02 -1.42 -1.74
O2 GOL D . -4.45 -0.70 -0.71
C3 GOL D . -6.52 -1.76 -1.46
O3 GOL D . -7.10 -0.61 -0.89
C1 GOL E . -2.19 -0.71 -5.05
O1 GOL E . -1.89 0.04 -3.90
C2 GOL E . -0.84 -1.01 -5.74
O2 GOL E . 0.22 -1.11 -4.83
C3 GOL E . -1.08 -2.30 -6.54
O3 GOL E . 0.15 -2.62 -7.09
N1 P9H F . 3.04 -3.53 -6.07
C4 P9H F . -0.06 0.08 -15.63
C5 P9H F . -0.66 1.25 -16.09
C6 P9H F . 0.11 2.25 -16.64
C7 P9H F . 1.46 2.07 -16.74
C8 P9H F . 2.07 0.92 -16.28
C10 P9H F . 4.49 -3.65 -13.30
C13 P9H F . 3.53 -3.47 -8.46
C15 P9H F . 4.60 -1.87 -6.95
C17 P9H F . 5.44 -6.93 -14.89
N P9H F . 4.86 -3.36 -11.92
C P9H F . 1.37 -2.24 -17.39
O P9H F . 0.74 -3.14 -17.82
C1 P9H F . 2.31 -2.32 -16.25
C11 P9H F . 4.04 -3.68 -10.91
C12 P9H F . 4.62 -3.51 -9.53
C14 P9H F . 4.07 -3.27 -7.08
C16 P9H F . 5.34 -4.79 -13.83
C18 P9H F . 4.92 -8.23 -14.34
C2 P9H F . 1.93 -1.36 -15.15
C3 P9H F . 1.30 -0.09 -15.70
C9 P9H F . 4.59 -2.42 -14.20
N2 P9H F . 4.72 -5.76 -14.47
O1 P9H F . 5.72 -1.59 -7.02
O2 P9H F . 3.67 -1.09 -6.76
O3 P9H F . 2.93 -4.10 -11.09
O4 P9H F . 6.54 -4.82 -13.62
O5 P9H F . 5.26 -9.29 -14.76
O6 P9H F . 4.10 -8.09 -13.40
S P9H F . 3.36 -1.12 -13.90
#